data_4LYA
#
_entry.id   4LYA
#
_cell.length_a   52.346
_cell.length_b   62.971
_cell.length_c   83.888
_cell.angle_alpha   90.00
_cell.angle_beta   107.47
_cell.angle_gamma   90.00
#
_symmetry.space_group_name_H-M   'P 1 21 1'
#
loop_
_entity.id
_entity.type
_entity.pdbx_description
1 polymer 'Uncharacterized protein'
2 non-polymer 'MAGNESIUM ION'
3 non-polymer "ADENOSINE-5'-TRIPHOSPHATE"
4 water water
#
_entity_poly.entity_id   1
_entity_poly.type   'polypeptide(L)'
_entity_poly.pdbx_seq_one_letter_code
;QKPKTEIE(MSE)VVEQIIETQKQLNIEKLPSPWLPPLPPRLARPASVTAEANAFPIGLKDEPELQSQSDYFYQWLEDGN
IGIFGSAGYGKSTT(MSE)(MSE)TLLLSFAGAYNPAQLHYYIFDFGNSALLPLRQLPHTADYFRLDDEKKIEKFIKF
(MSE)KEE(MSE)EQRKQRF(MSE)EKEVSTIKLYNALSEEKLPIIIVALDNFDVVKEE(MSE)PDFETQLIQYARDGQS
LGIFFI(MSE)TATRVSGIRPPL(MSE)NNLKTKIVHYFIDSSEKFSLIGRTPYDVDPIPGRALIKKDNAALTQIYLPAD
GEDDIEVLENVKRE(MSE)ERLKEVYQHIPKPKPIP(MSE)LPPRLS(MSE)SVFTNTYVQHRASGFIPVGLDEQTVRPV
AIN(MSE)RTDPHCLIVGQSRKGKTNVVKVILESLLVQEPESIGLLDGIDRGLAGYANRDDITYIEAKERLAQWLNEADA
VLQQREREYIQAVNENRATTLAWPPVVFVVDSLLRLQQETDSI(MSE)QGRIAN(MSE)(MSE)KQYSHLGFHVFVAGNA
NEFVKGFDALTAELKQIRQAILVTKKSEQSLFALPFTRNEQEIEPGFGYFVVGGKDQKIQIPKVE
;
_entity_poly.pdbx_strand_id   A
#
# COMPACT_ATOMS: atom_id res chain seq x y z
N LEU A 31 -16.99 -19.19 43.41
CA LEU A 31 -17.04 -19.06 44.86
C LEU A 31 -15.86 -18.27 45.48
N PRO A 32 -14.62 -18.63 45.13
CA PRO A 32 -13.50 -17.88 45.73
C PRO A 32 -13.47 -16.43 45.23
N PRO A 33 -13.25 -15.48 46.14
CA PRO A 33 -13.20 -14.05 45.80
C PRO A 33 -12.04 -13.72 44.87
N LEU A 34 -12.34 -13.06 43.75
CA LEU A 34 -11.31 -12.65 42.81
C LEU A 34 -10.88 -11.21 43.10
N PRO A 35 -9.56 -10.98 43.15
CA PRO A 35 -9.00 -9.65 43.37
C PRO A 35 -9.27 -8.72 42.19
N PRO A 36 -9.24 -7.40 42.44
CA PRO A 36 -9.54 -6.41 41.39
C PRO A 36 -8.37 -6.14 40.45
N ARG A 37 -7.13 -6.34 40.92
CA ARG A 37 -5.96 -6.06 40.09
C ARG A 37 -4.94 -7.19 40.14
N LEU A 38 -4.56 -7.70 38.96
CA LEU A 38 -3.55 -8.75 38.85
C LEU A 38 -2.68 -8.53 37.62
N ALA A 39 -1.37 -8.58 37.81
CA ALA A 39 -0.43 -8.41 36.70
C ALA A 39 -0.10 -9.76 36.08
N ARG A 40 0.07 -9.78 34.76
CA ARG A 40 0.37 -11.01 34.03
C ARG A 40 1.77 -11.51 34.37
N PRO A 41 1.97 -12.84 34.29
CA PRO A 41 3.30 -13.42 34.49
C PRO A 41 4.29 -12.94 33.43
N ALA A 42 5.58 -13.06 33.72
CA ALA A 42 6.62 -12.64 32.77
C ALA A 42 6.72 -13.63 31.62
N SER A 43 6.96 -13.11 30.42
CA SER A 43 7.13 -13.95 29.24
C SER A 43 8.43 -14.75 29.35
N VAL A 44 8.30 -16.00 29.80
CA VAL A 44 9.47 -16.83 30.06
C VAL A 44 9.45 -18.14 29.27
N THR A 45 8.64 -18.20 28.23
CA THR A 45 8.55 -19.40 27.40
C THR A 45 8.57 -19.08 25.91
N ALA A 46 9.72 -19.33 25.27
CA ALA A 46 9.86 -19.11 23.85
C ALA A 46 8.98 -20.07 23.05
N GLU A 47 8.22 -19.53 22.10
CA GLU A 47 7.31 -20.31 21.28
C GLU A 47 6.33 -21.12 22.11
N ALA A 48 5.73 -20.48 23.11
CA ALA A 48 4.75 -21.13 23.97
C ALA A 48 3.49 -21.48 23.17
N ASN A 49 2.75 -22.48 23.66
CA ASN A 49 1.51 -22.89 23.01
C ASN A 49 0.29 -22.62 23.88
N ALA A 50 0.50 -21.91 24.98
CA ALA A 50 -0.57 -21.52 25.88
C ALA A 50 -0.17 -20.27 26.66
N PHE A 51 -1.12 -19.37 26.87
CA PHE A 51 -0.85 -18.10 27.52
C PHE A 51 -1.80 -17.81 28.67
N PRO A 52 -1.25 -17.54 29.86
CA PRO A 52 -2.04 -17.15 31.03
C PRO A 52 -2.56 -15.72 30.88
N ILE A 53 -3.86 -15.58 30.65
CA ILE A 53 -4.46 -14.28 30.39
C ILE A 53 -5.24 -13.75 31.60
N GLY A 54 -5.49 -14.63 32.56
CA GLY A 54 -6.23 -14.23 33.76
C GLY A 54 -6.37 -15.33 34.78
N LEU A 55 -6.80 -14.96 35.98
CA LEU A 55 -7.02 -15.93 37.06
C LEU A 55 -8.49 -16.32 37.10
N LYS A 56 -8.77 -17.60 36.85
CA LYS A 56 -10.14 -18.08 36.78
C LYS A 56 -10.56 -18.85 38.04
N ASP A 57 -11.85 -18.80 38.35
CA ASP A 57 -12.41 -19.62 39.41
C ASP A 57 -12.72 -21.00 38.86
N GLU A 58 -12.26 -22.04 39.56
CA GLU A 58 -12.55 -23.41 39.18
C GLU A 58 -13.38 -24.09 40.27
N PRO A 59 -14.71 -23.95 40.19
CA PRO A 59 -15.64 -24.49 41.18
C PRO A 59 -15.55 -26.01 41.32
N GLU A 60 -15.18 -26.69 40.24
CA GLU A 60 -15.03 -28.14 40.26
C GLU A 60 -13.94 -28.57 41.24
N LEU A 61 -13.03 -27.66 41.55
CA LEU A 61 -11.98 -27.91 42.53
C LEU A 61 -12.12 -26.98 43.72
N GLN A 62 -13.05 -26.03 43.61
CA GLN A 62 -13.24 -24.99 44.62
C GLN A 62 -11.93 -24.26 44.88
N SER A 63 -11.30 -23.79 43.82
CA SER A 63 -10.00 -23.13 43.92
C SER A 63 -9.82 -22.09 42.81
N GLN A 64 -8.56 -21.73 42.55
CA GLN A 64 -8.24 -20.75 41.52
C GLN A 64 -6.97 -21.14 40.76
N SER A 65 -6.93 -20.80 39.48
CA SER A 65 -5.77 -21.07 38.64
C SER A 65 -5.79 -20.21 37.38
N ASP A 66 -4.67 -20.16 36.68
CA ASP A 66 -4.56 -19.36 35.46
C ASP A 66 -5.47 -19.87 34.35
N TYR A 67 -6.13 -18.95 33.66
CA TYR A 67 -6.85 -19.30 32.44
C TYR A 67 -5.85 -19.30 31.29
N PHE A 68 -5.67 -20.45 30.66
CA PHE A 68 -4.72 -20.57 29.56
C PHE A 68 -5.41 -20.58 28.21
N TYR A 69 -5.15 -19.53 27.42
CA TYR A 69 -5.61 -19.50 26.04
C TYR A 69 -4.69 -20.37 25.19
N GLN A 70 -5.27 -21.35 24.51
CA GLN A 70 -4.48 -22.25 23.67
C GLN A 70 -4.16 -21.60 22.34
N TRP A 71 -2.87 -21.51 22.04
CA TRP A 71 -2.39 -20.95 20.78
C TRP A 71 -2.97 -21.73 19.59
N LEU A 72 -3.49 -20.99 18.61
CA LEU A 72 -4.11 -21.55 17.41
C LEU A 72 -5.45 -22.27 17.67
N GLU A 73 -5.44 -23.22 18.60
CA GLU A 73 -6.60 -24.09 18.82
C GLU A 73 -7.84 -23.36 19.35
N ASP A 74 -7.64 -22.44 20.29
CA ASP A 74 -8.75 -21.70 20.88
C ASP A 74 -9.35 -20.68 19.91
N GLY A 75 -8.63 -20.41 18.83
CA GLY A 75 -9.15 -19.61 17.73
C GLY A 75 -9.26 -18.12 17.98
N ASN A 76 -10.13 -17.48 17.20
CA ASN A 76 -10.32 -16.03 17.25
C ASN A 76 -10.91 -15.56 18.59
N ILE A 77 -10.60 -14.32 18.96
CA ILE A 77 -11.03 -13.78 20.25
C ILE A 77 -11.95 -12.57 20.09
N GLY A 78 -13.12 -12.63 20.74
CA GLY A 78 -14.03 -11.52 20.75
C GLY A 78 -14.15 -10.93 22.15
N ILE A 79 -13.73 -9.68 22.29
CA ILE A 79 -13.75 -9.02 23.59
C ILE A 79 -14.94 -8.07 23.68
N PHE A 80 -15.76 -8.25 24.71
CA PHE A 80 -16.98 -7.45 24.86
C PHE A 80 -17.11 -6.86 26.25
N GLY A 81 -17.97 -5.85 26.37
CA GLY A 81 -18.22 -5.20 27.64
C GLY A 81 -18.55 -3.73 27.49
N SER A 82 -19.12 -3.14 28.53
CA SER A 82 -19.45 -1.72 28.52
C SER A 82 -18.18 -0.87 28.63
N ALA A 83 -18.34 0.43 28.41
CA ALA A 83 -17.21 1.37 28.44
C ALA A 83 -16.56 1.44 29.83
N GLY A 84 -15.25 1.25 29.87
CA GLY A 84 -14.48 1.41 31.09
C GLY A 84 -14.29 0.13 31.89
N TYR A 85 -14.66 -1.00 31.30
CA TYR A 85 -14.54 -2.27 32.01
C TYR A 85 -13.45 -3.19 31.47
N GLY A 86 -12.57 -2.64 30.63
CA GLY A 86 -11.32 -3.29 30.30
C GLY A 86 -11.19 -3.99 28.95
N LYS A 87 -11.96 -3.56 27.96
CA LYS A 87 -11.90 -4.17 26.63
C LYS A 87 -10.53 -3.99 25.98
N SER A 88 -10.06 -2.76 25.90
CA SER A 88 -8.78 -2.48 25.27
C SER A 88 -7.61 -2.96 26.12
N THR A 89 -7.81 -3.00 27.43
CA THR A 89 -6.78 -3.46 28.35
C THR A 89 -6.51 -4.95 28.15
N THR A 90 -7.56 -5.72 27.91
CA THR A 90 -7.44 -7.15 27.65
C THR A 90 -6.68 -7.38 26.35
N THR A 93 -2.95 -6.99 26.86
CA THR A 93 -2.37 -8.14 27.55
C THR A 93 -2.15 -9.32 26.60
N LEU A 94 -3.09 -9.52 25.68
CA LEU A 94 -2.99 -10.60 24.71
C LEU A 94 -1.82 -10.39 23.76
N LEU A 95 -1.80 -9.23 23.09
CA LEU A 95 -0.80 -8.95 22.06
C LEU A 95 0.62 -8.85 22.62
N LEU A 96 0.75 -8.39 23.86
CA LEU A 96 2.05 -8.30 24.51
C LEU A 96 2.54 -9.66 24.97
N SER A 97 1.60 -10.54 25.32
CA SER A 97 1.92 -11.90 25.73
C SER A 97 2.43 -12.71 24.55
N PHE A 98 1.73 -12.60 23.42
CA PHE A 98 2.09 -13.32 22.21
C PHE A 98 3.44 -12.83 21.67
N ALA A 99 3.70 -11.54 21.85
CA ALA A 99 4.92 -10.92 21.34
C ALA A 99 6.15 -11.38 22.13
N GLY A 100 5.94 -11.76 23.38
CA GLY A 100 7.02 -12.21 24.23
C GLY A 100 7.48 -13.62 23.88
N ALA A 101 6.60 -14.38 23.23
CA ALA A 101 6.89 -15.77 22.91
C ALA A 101 7.37 -15.94 21.47
N TYR A 102 6.95 -15.05 20.59
CA TYR A 102 7.31 -15.14 19.17
C TYR A 102 7.95 -13.85 18.66
N ASN A 103 8.95 -14.01 17.79
CA ASN A 103 9.64 -12.87 17.20
C ASN A 103 8.86 -12.31 16.01
N PRO A 104 9.19 -11.07 15.57
CA PRO A 104 8.49 -10.43 14.44
C PRO A 104 8.54 -11.22 13.13
N ALA A 105 9.41 -12.23 13.04
CA ALA A 105 9.45 -13.06 11.85
C ALA A 105 8.41 -14.18 11.93
N GLN A 106 7.99 -14.49 13.16
CA GLN A 106 7.02 -15.55 13.39
C GLN A 106 5.62 -15.00 13.58
N LEU A 107 5.52 -13.72 13.92
CA LEU A 107 4.23 -13.11 14.25
C LEU A 107 4.10 -11.71 13.69
N HIS A 108 3.00 -11.46 12.96
CA HIS A 108 2.75 -10.15 12.37
C HIS A 108 1.44 -9.56 12.88
N TYR A 109 1.49 -8.29 13.29
CA TYR A 109 0.30 -7.59 13.78
C TYR A 109 -0.21 -6.57 12.78
N TYR A 110 -1.52 -6.57 12.58
CA TYR A 110 -2.17 -5.53 11.79
C TYR A 110 -3.24 -4.85 12.63
N ILE A 111 -2.92 -3.66 13.11
CA ILE A 111 -3.73 -2.98 14.11
C ILE A 111 -4.72 -1.97 13.51
N PHE A 112 -6.00 -2.20 13.75
CA PHE A 112 -7.04 -1.26 13.34
C PHE A 112 -7.59 -0.53 14.56
N ASP A 113 -7.05 0.65 14.81
CA ASP A 113 -7.43 1.42 15.98
C ASP A 113 -8.60 2.34 15.67
N PHE A 114 -9.82 1.80 15.75
CA PHE A 114 -11.01 2.55 15.36
C PHE A 114 -11.72 3.18 16.56
N GLY A 115 -11.00 3.29 17.68
CA GLY A 115 -11.52 3.96 18.85
C GLY A 115 -10.76 5.26 19.08
N ASN A 116 -10.39 5.53 20.32
CA ASN A 116 -9.62 6.72 20.64
C ASN A 116 -8.15 6.41 20.93
N SER A 117 -7.47 5.88 19.92
CA SER A 117 -6.04 5.60 20.00
C SER A 117 -5.65 4.71 21.18
N ALA A 118 -6.53 3.76 21.52
CA ALA A 118 -6.29 2.86 22.63
C ALA A 118 -5.15 1.90 22.34
N LEU A 119 -4.96 1.56 21.08
CA LEU A 119 -3.91 0.64 20.66
C LEU A 119 -2.72 1.38 20.04
N LEU A 120 -2.67 2.68 20.25
CA LEU A 120 -1.56 3.49 19.73
C LEU A 120 -0.16 3.10 20.24
N PRO A 121 -0.02 2.79 21.54
CA PRO A 121 1.31 2.37 22.00
C PRO A 121 1.87 1.16 21.26
N LEU A 122 1.03 0.19 20.95
CA LEU A 122 1.47 -1.05 20.31
C LEU A 122 2.02 -0.86 18.90
N ARG A 123 1.93 0.37 18.39
CA ARG A 123 2.46 0.71 17.07
C ARG A 123 3.99 0.60 17.08
N GLN A 124 4.59 0.69 18.28
CA GLN A 124 6.04 0.61 18.42
C GLN A 124 6.51 -0.82 18.59
N LEU A 125 5.58 -1.77 18.61
CA LEU A 125 5.94 -3.18 18.65
C LEU A 125 6.61 -3.57 17.34
N PRO A 126 7.73 -4.30 17.43
CA PRO A 126 8.46 -4.75 16.24
C PRO A 126 7.59 -5.69 15.39
N HIS A 127 6.59 -6.30 16.02
CA HIS A 127 5.71 -7.24 15.34
C HIS A 127 4.64 -6.51 14.52
N THR A 128 4.43 -5.24 14.82
CA THR A 128 3.41 -4.45 14.13
C THR A 128 3.82 -4.14 12.68
N ALA A 129 3.14 -4.79 11.74
CA ALA A 129 3.41 -4.57 10.33
C ALA A 129 2.88 -3.22 9.88
N ASP A 130 1.65 -2.90 10.30
CA ASP A 130 1.03 -1.64 9.93
C ASP A 130 -0.02 -1.19 10.95
N TYR A 131 -0.35 0.10 10.90
CA TYR A 131 -1.32 0.69 11.82
C TYR A 131 -2.37 1.44 11.02
N PHE A 132 -3.64 1.07 11.20
CA PHE A 132 -4.72 1.63 10.41
C PHE A 132 -5.65 2.50 11.25
N ARG A 133 -6.16 3.57 10.63
CA ARG A 133 -7.13 4.43 11.29
C ARG A 133 -8.48 4.41 10.58
N LEU A 134 -9.49 4.92 11.26
CA LEU A 134 -10.88 4.87 10.79
C LEU A 134 -11.06 5.57 9.43
N ASP A 135 -10.25 6.59 9.18
CA ASP A 135 -10.39 7.39 7.98
C ASP A 135 -9.36 7.05 6.90
N ASP A 136 -8.49 6.09 7.19
CA ASP A 136 -7.49 5.65 6.23
C ASP A 136 -8.13 4.82 5.13
N GLU A 137 -8.91 5.47 4.28
CA GLU A 137 -9.68 4.79 3.23
C GLU A 137 -8.78 4.13 2.19
N LYS A 138 -7.78 4.86 1.73
CA LYS A 138 -6.84 4.35 0.72
C LYS A 138 -6.02 3.20 1.31
N LYS A 139 -5.61 3.36 2.56
CA LYS A 139 -4.77 2.40 3.25
C LYS A 139 -5.50 1.07 3.46
N ILE A 140 -6.75 1.14 3.89
CA ILE A 140 -7.56 -0.04 4.18
C ILE A 140 -7.84 -0.86 2.93
N GLU A 141 -8.21 -0.19 1.84
CA GLU A 141 -8.49 -0.86 0.58
C GLU A 141 -7.29 -1.63 0.06
N LYS A 142 -6.10 -1.14 0.38
CA LYS A 142 -4.86 -1.82 0.00
C LYS A 142 -4.53 -2.97 0.92
N PHE A 143 -5.01 -2.89 2.16
CA PHE A 143 -4.86 -3.99 3.10
C PHE A 143 -5.71 -5.17 2.64
N ILE A 144 -6.92 -4.86 2.18
CA ILE A 144 -7.84 -5.87 1.66
C ILE A 144 -7.22 -6.59 0.48
N LYS A 145 -6.57 -5.83 -0.40
CA LYS A 145 -5.90 -6.39 -1.57
C LYS A 145 -4.78 -7.33 -1.17
N PHE A 146 -4.02 -6.92 -0.16
CA PHE A 146 -2.91 -7.73 0.35
C PHE A 146 -3.39 -9.05 0.94
N LYS A 148 -6.22 -10.68 0.45
CA LYS A 148 -6.79 -11.55 -0.56
C LYS A 148 -5.69 -12.32 -1.30
N GLU A 149 -4.59 -11.62 -1.59
CA GLU A 149 -3.48 -12.24 -2.28
C GLU A 149 -2.68 -13.14 -1.34
N GLU A 150 -2.52 -12.72 -0.10
CA GLU A 150 -1.78 -13.49 0.89
C GLU A 150 -2.47 -14.81 1.20
N GLU A 152 -4.48 -16.29 -0.83
CA GLU A 152 -4.38 -17.05 -2.07
C GLU A 152 -3.05 -17.78 -2.13
N GLN A 153 -1.96 -17.06 -1.87
CA GLN A 153 -0.62 -17.61 -1.92
C GLN A 153 -0.45 -18.73 -0.88
N ARG A 154 -1.01 -18.54 0.30
CA ARG A 154 -0.92 -19.54 1.37
C ARG A 154 -1.68 -20.82 1.00
N LYS A 155 -2.85 -20.66 0.38
CA LYS A 155 -3.63 -21.81 -0.05
C LYS A 155 -2.92 -22.56 -1.17
N GLN A 156 -2.10 -21.85 -1.93
CA GLN A 156 -1.35 -22.45 -3.02
C GLN A 156 -0.08 -23.11 -2.52
N ARG A 157 0.49 -22.58 -1.44
CA ARG A 157 1.66 -23.20 -0.81
C ARG A 157 1.26 -24.49 -0.12
N PHE A 158 0.05 -24.51 0.44
CA PHE A 158 -0.47 -25.69 1.11
C PHE A 158 -0.67 -26.84 0.12
N GLU A 160 0.94 -27.53 -2.56
CA GLU A 160 2.21 -28.13 -2.98
C GLU A 160 2.68 -29.14 -1.95
N LYS A 161 2.55 -28.78 -0.68
CA LYS A 161 2.94 -29.67 0.43
C LYS A 161 1.85 -30.67 0.74
N GLU A 162 0.74 -30.57 0.02
CA GLU A 162 -0.41 -31.46 0.22
C GLU A 162 -0.94 -31.43 1.65
N VAL A 163 -0.87 -30.25 2.26
CA VAL A 163 -1.38 -30.06 3.62
C VAL A 163 -2.55 -29.09 3.60
N SER A 164 -3.23 -28.96 4.74
CA SER A 164 -4.39 -28.07 4.84
C SER A 164 -4.33 -27.16 6.07
N THR A 165 -3.24 -27.29 6.83
CA THR A 165 -3.08 -26.49 8.05
C THR A 165 -1.68 -25.91 8.13
N ILE A 166 -1.58 -24.66 8.59
CA ILE A 166 -0.28 -23.99 8.72
C ILE A 166 0.58 -24.68 9.76
N LYS A 167 -0.06 -25.34 10.72
CA LYS A 167 0.66 -26.11 11.74
C LYS A 167 1.35 -27.29 11.09
N LEU A 168 0.73 -27.83 10.04
CA LEU A 168 1.32 -28.94 9.28
C LEU A 168 2.34 -28.42 8.28
N TYR A 169 2.03 -27.28 7.65
CA TYR A 169 2.93 -26.68 6.68
C TYR A 169 4.25 -26.26 7.32
N ASN A 170 4.16 -25.55 8.44
CA ASN A 170 5.35 -25.10 9.16
C ASN A 170 6.10 -26.25 9.84
N ALA A 171 5.54 -27.44 9.77
CA ALA A 171 6.18 -28.63 10.31
C ALA A 171 6.93 -29.37 9.21
N LEU A 172 6.58 -29.08 7.96
CA LEU A 172 7.19 -29.75 6.81
C LEU A 172 7.95 -28.78 5.92
N SER A 173 8.19 -27.57 6.42
CA SER A 173 8.82 -26.53 5.61
C SER A 173 10.09 -25.97 6.25
N GLU A 174 11.01 -25.53 5.42
CA GLU A 174 12.24 -24.88 5.88
C GLU A 174 11.93 -23.42 6.18
N GLU A 175 11.29 -22.75 5.22
CA GLU A 175 10.86 -21.37 5.39
C GLU A 175 9.41 -21.35 5.88
N LYS A 176 9.23 -21.10 7.17
CA LYS A 176 7.91 -21.18 7.79
C LYS A 176 7.10 -19.89 7.62
N LEU A 177 5.78 -20.04 7.52
CA LEU A 177 4.88 -18.90 7.39
C LEU A 177 4.62 -18.25 8.74
N PRO A 178 4.70 -16.90 8.80
CA PRO A 178 4.42 -16.17 10.03
C PRO A 178 2.93 -16.12 10.35
N ILE A 179 2.61 -16.19 11.63
CA ILE A 179 1.21 -16.05 12.06
C ILE A 179 0.78 -14.60 11.92
N ILE A 180 -0.38 -14.39 11.29
CA ILE A 180 -0.91 -13.05 11.12
C ILE A 180 -2.13 -12.82 12.02
N ILE A 181 -2.08 -11.73 12.79
CA ILE A 181 -3.19 -11.38 13.67
C ILE A 181 -3.77 -10.01 13.32
N VAL A 182 -5.06 -9.98 13.05
CA VAL A 182 -5.75 -8.72 12.79
C VAL A 182 -6.38 -8.21 14.09
N ALA A 183 -5.75 -7.21 14.69
CA ALA A 183 -6.25 -6.62 15.93
C ALA A 183 -7.10 -5.40 15.65
N LEU A 184 -8.38 -5.48 15.98
CA LEU A 184 -9.32 -4.40 15.72
C LEU A 184 -9.97 -3.91 17.00
N ASP A 185 -9.77 -2.63 17.33
CA ASP A 185 -10.41 -2.03 18.49
C ASP A 185 -11.66 -1.29 18.05
N ASN A 186 -12.73 -1.41 18.84
CA ASN A 186 -14.01 -0.78 18.55
C ASN A 186 -14.62 -1.23 17.22
N PHE A 187 -15.33 -2.35 17.25
CA PHE A 187 -15.95 -2.90 16.04
C PHE A 187 -17.27 -2.19 15.72
N ASP A 188 -17.71 -1.35 16.65
CA ASP A 188 -19.01 -0.67 16.51
C ASP A 188 -19.09 0.24 15.28
N VAL A 189 -17.96 0.79 14.86
CA VAL A 189 -17.94 1.69 13.71
C VAL A 189 -17.92 0.94 12.38
N VAL A 190 -17.47 -0.31 12.41
CA VAL A 190 -17.45 -1.14 11.22
C VAL A 190 -18.86 -1.64 10.92
N LYS A 191 -19.60 -1.92 11.99
CA LYS A 191 -20.95 -2.47 11.92
C LYS A 191 -21.88 -1.69 11.00
N GLU A 192 -21.75 -0.37 10.99
CA GLU A 192 -22.59 0.47 10.14
C GLU A 192 -21.81 1.17 9.03
N GLU A 193 -20.77 1.91 9.43
CA GLU A 193 -20.11 2.85 8.53
C GLU A 193 -19.23 2.22 7.45
N PRO A 195 -19.30 -1.26 5.32
CA PRO A 195 -19.89 -2.53 4.87
C PRO A 195 -18.89 -3.43 4.14
N ASP A 196 -18.19 -2.86 3.17
CA ASP A 196 -17.25 -3.63 2.35
C ASP A 196 -16.11 -4.21 3.18
N PHE A 197 -15.71 -3.48 4.21
CA PHE A 197 -14.61 -3.90 5.07
C PHE A 197 -15.04 -5.01 6.03
N GLU A 198 -16.31 -5.00 6.42
CA GLU A 198 -16.82 -6.00 7.33
C GLU A 198 -16.89 -7.38 6.67
N THR A 199 -17.23 -7.40 5.38
CA THR A 199 -17.30 -8.64 4.62
C THR A 199 -15.95 -9.35 4.63
N GLN A 200 -14.88 -8.59 4.51
CA GLN A 200 -13.54 -9.13 4.53
C GLN A 200 -13.18 -9.69 5.90
N LEU A 201 -13.61 -9.01 6.96
CA LEU A 201 -13.37 -9.47 8.32
C LEU A 201 -14.08 -10.79 8.58
N ILE A 202 -15.24 -10.97 7.96
CA ILE A 202 -15.98 -12.23 8.06
C ILE A 202 -15.20 -13.34 7.37
N GLN A 203 -14.61 -13.02 6.22
CA GLN A 203 -13.78 -13.98 5.50
C GLN A 203 -12.56 -14.38 6.32
N TYR A 204 -11.93 -13.39 6.97
CA TYR A 204 -10.74 -13.63 7.77
C TYR A 204 -11.04 -14.55 8.95
N ALA A 205 -12.21 -14.33 9.57
CA ALA A 205 -12.58 -15.09 10.75
C ALA A 205 -13.06 -16.50 10.41
N ARG A 206 -13.60 -16.65 9.21
CA ARG A 206 -14.18 -17.94 8.80
C ARG A 206 -13.16 -18.86 8.11
N ASP A 207 -12.27 -18.27 7.32
CA ASP A 207 -11.30 -19.05 6.56
C ASP A 207 -9.86 -18.68 6.89
N GLY A 208 -9.62 -18.26 8.12
CA GLY A 208 -8.32 -17.75 8.51
C GLY A 208 -7.48 -18.66 9.37
N GLN A 209 -8.12 -19.37 10.30
CA GLN A 209 -7.41 -20.22 11.26
C GLN A 209 -6.48 -21.23 10.59
N SER A 210 -6.98 -21.88 9.54
CA SER A 210 -6.20 -22.90 8.84
C SER A 210 -5.00 -22.31 8.11
N LEU A 211 -5.13 -21.05 7.69
CA LEU A 211 -4.09 -20.39 6.90
C LEU A 211 -3.07 -19.67 7.77
N GLY A 212 -3.37 -19.50 9.05
CA GLY A 212 -2.47 -18.82 9.97
C GLY A 212 -2.86 -17.38 10.21
N ILE A 213 -4.09 -17.03 9.85
CA ILE A 213 -4.60 -15.68 10.05
C ILE A 213 -5.67 -15.68 11.14
N PHE A 214 -5.40 -14.97 12.23
CA PHE A 214 -6.33 -14.90 13.35
C PHE A 214 -6.86 -13.49 13.59
N PHE A 215 -8.00 -13.41 14.25
CA PHE A 215 -8.72 -12.14 14.37
C PHE A 215 -9.17 -11.87 15.80
N ILE A 216 -8.67 -10.77 16.37
CA ILE A 216 -9.06 -10.36 17.72
C ILE A 216 -9.72 -8.98 17.66
N THR A 218 -12.48 -6.00 19.76
CA THR A 218 -13.27 -5.51 20.88
C THR A 218 -14.56 -4.89 20.36
N ALA A 219 -15.61 -4.92 21.18
CA ALA A 219 -16.90 -4.36 20.78
C ALA A 219 -17.75 -4.00 21.99
N THR A 220 -18.50 -2.91 21.87
CA THR A 220 -19.39 -2.47 22.94
C THR A 220 -20.81 -2.94 22.66
N ARG A 221 -21.42 -2.39 21.63
CA ARG A 221 -22.76 -2.78 21.23
C ARG A 221 -22.72 -4.03 20.35
N VAL A 222 -23.42 -5.07 20.77
CA VAL A 222 -23.38 -6.37 20.09
C VAL A 222 -24.60 -6.57 19.20
N SER A 223 -25.30 -5.48 18.89
CA SER A 223 -26.54 -5.54 18.14
C SER A 223 -26.38 -6.14 16.74
N GLY A 224 -25.56 -5.50 15.91
CA GLY A 224 -25.44 -5.86 14.51
C GLY A 224 -24.28 -6.75 14.14
N ILE A 225 -23.68 -7.41 15.14
CA ILE A 225 -22.62 -8.37 14.86
C ILE A 225 -23.24 -9.61 14.21
N ARG A 226 -22.95 -9.79 12.92
CA ARG A 226 -23.54 -10.89 12.15
C ARG A 226 -23.14 -12.25 12.71
N PRO A 227 -24.04 -13.23 12.60
CA PRO A 227 -23.76 -14.63 12.97
C PRO A 227 -22.51 -15.25 12.32
N PRO A 228 -22.25 -15.01 11.01
CA PRO A 228 -21.03 -15.64 10.46
C PRO A 228 -19.74 -15.06 11.04
N LEU A 229 -19.85 -13.98 11.81
CA LEU A 229 -18.67 -13.43 12.49
C LEU A 229 -18.64 -13.89 13.94
N ASN A 231 -20.07 -16.48 15.33
CA ASN A 231 -19.86 -17.92 15.41
C ASN A 231 -18.44 -18.33 15.10
N ASN A 232 -17.67 -17.42 14.49
CA ASN A 232 -16.27 -17.66 14.20
C ASN A 232 -15.35 -17.03 15.24
N LEU A 233 -15.96 -16.42 16.26
CA LEU A 233 -15.23 -15.94 17.42
C LEU A 233 -15.33 -17.00 18.52
N LYS A 234 -14.45 -17.98 18.47
CA LYS A 234 -14.53 -19.14 19.37
C LYS A 234 -14.38 -18.75 20.84
N THR A 235 -13.35 -17.97 21.15
CA THR A 235 -13.14 -17.50 22.51
C THR A 235 -13.78 -16.13 22.71
N LYS A 236 -14.71 -16.04 23.66
CA LYS A 236 -15.37 -14.78 23.95
C LYS A 236 -15.08 -14.30 25.37
N ILE A 237 -14.49 -13.12 25.47
CA ILE A 237 -14.19 -12.51 26.76
C ILE A 237 -15.20 -11.41 27.06
N VAL A 238 -16.19 -11.72 27.89
CA VAL A 238 -17.29 -10.80 28.14
C VAL A 238 -17.16 -10.10 29.50
N HIS A 239 -16.83 -8.82 29.46
CA HIS A 239 -16.75 -8.02 30.68
C HIS A 239 -18.14 -7.56 31.11
N TYR A 240 -18.19 -6.68 32.10
CA TYR A 240 -19.45 -6.22 32.65
C TYR A 240 -20.25 -5.39 31.64
N PHE A 241 -21.54 -5.68 31.55
CA PHE A 241 -22.47 -4.90 30.75
C PHE A 241 -23.46 -4.18 31.67
N ILE A 242 -23.80 -2.95 31.31
CA ILE A 242 -24.78 -2.18 32.07
C ILE A 242 -26.14 -2.87 31.97
N ASP A 243 -26.47 -3.36 30.77
CA ASP A 243 -27.67 -4.15 30.57
C ASP A 243 -27.30 -5.61 30.35
N SER A 244 -27.88 -6.49 31.15
CA SER A 244 -27.55 -7.92 31.09
C SER A 244 -28.07 -8.59 29.82
N SER A 245 -28.84 -7.86 29.02
CA SER A 245 -29.40 -8.38 27.79
C SER A 245 -28.31 -8.72 26.77
N GLU A 246 -27.32 -7.85 26.67
CA GLU A 246 -26.25 -8.02 25.68
C GLU A 246 -25.38 -9.24 26.00
N LYS A 247 -25.20 -9.51 27.29
CA LYS A 247 -24.44 -10.68 27.72
C LYS A 247 -25.15 -11.96 27.31
N PHE A 248 -26.48 -11.96 27.40
CA PHE A 248 -27.29 -13.11 27.04
C PHE A 248 -27.24 -13.38 25.53
N SER A 249 -26.99 -12.34 24.77
CA SER A 249 -26.91 -12.46 23.31
C SER A 249 -25.58 -13.10 22.89
N LEU A 250 -24.51 -12.70 23.56
CA LEU A 250 -23.18 -13.23 23.28
C LEU A 250 -23.08 -14.68 23.71
N ILE A 251 -23.10 -14.90 25.02
CA ILE A 251 -23.05 -16.23 25.59
C ILE A 251 -24.41 -16.60 26.17
N GLY A 252 -24.63 -17.88 26.40
CA GLY A 252 -25.91 -18.35 26.90
C GLY A 252 -26.14 -18.01 28.37
N ARG A 253 -27.04 -18.75 29.01
CA ARG A 253 -27.30 -18.58 30.43
C ARG A 253 -26.11 -19.06 31.25
N THR A 254 -25.92 -18.45 32.41
CA THR A 254 -24.80 -18.79 33.29
C THR A 254 -25.23 -18.83 34.75
N PRO A 255 -24.55 -19.66 35.56
CA PRO A 255 -24.87 -19.71 36.99
C PRO A 255 -24.28 -18.50 37.70
N TYR A 256 -23.18 -17.99 37.16
CA TYR A 256 -22.47 -16.88 37.76
C TYR A 256 -22.52 -15.65 36.85
N ASP A 257 -22.45 -14.47 37.47
CA ASP A 257 -22.42 -13.23 36.71
C ASP A 257 -21.21 -12.39 37.13
N VAL A 258 -20.81 -11.47 36.25
CA VAL A 258 -19.67 -10.62 36.52
C VAL A 258 -20.08 -9.38 37.31
N ASP A 259 -19.28 -9.04 38.32
CA ASP A 259 -19.50 -7.82 39.09
C ASP A 259 -18.97 -6.61 38.31
N PRO A 260 -19.51 -5.42 38.58
CA PRO A 260 -19.03 -4.22 37.91
C PRO A 260 -17.59 -3.87 38.30
N ILE A 261 -16.65 -4.74 37.94
CA ILE A 261 -15.24 -4.53 38.23
C ILE A 261 -14.43 -4.66 36.95
N PRO A 262 -13.67 -3.60 36.61
CA PRO A 262 -12.85 -3.59 35.40
C PRO A 262 -11.86 -4.74 35.37
N GLY A 263 -11.94 -5.58 34.34
CA GLY A 263 -11.07 -6.73 34.22
C GLY A 263 -11.79 -8.03 34.49
N ARG A 264 -12.88 -7.95 35.25
CA ARG A 264 -13.69 -9.12 35.55
C ARG A 264 -14.48 -9.54 34.32
N ALA A 265 -14.39 -10.81 33.96
CA ALA A 265 -15.03 -11.29 32.73
C ALA A 265 -15.42 -12.76 32.77
N LEU A 266 -16.44 -13.11 32.00
CA LEU A 266 -16.79 -14.50 31.74
C LEU A 266 -16.20 -14.89 30.39
N ILE A 267 -15.23 -15.80 30.42
CA ILE A 267 -14.59 -16.23 29.19
C ILE A 267 -15.14 -17.57 28.72
N LYS A 268 -15.91 -17.54 27.64
CA LYS A 268 -16.54 -18.74 27.11
C LYS A 268 -15.81 -19.27 25.88
N LYS A 269 -15.51 -20.57 25.91
CA LYS A 269 -15.04 -21.27 24.72
C LYS A 269 -15.94 -22.49 24.56
N ASP A 270 -15.88 -23.39 25.53
CA ASP A 270 -16.85 -24.47 25.64
C ASP A 270 -17.80 -24.11 26.77
N ASN A 271 -17.23 -23.74 27.92
CA ASN A 271 -18.00 -23.24 29.04
C ASN A 271 -17.50 -21.87 29.46
N ALA A 272 -18.30 -21.16 30.25
CA ALA A 272 -17.92 -19.84 30.74
C ALA A 272 -17.21 -19.92 32.08
N ALA A 273 -16.03 -19.33 32.15
CA ALA A 273 -15.24 -19.33 33.39
C ALA A 273 -15.10 -17.91 33.95
N LEU A 274 -15.52 -17.74 35.20
CA LEU A 274 -15.39 -16.44 35.86
C LEU A 274 -13.92 -16.15 36.08
N THR A 275 -13.44 -15.06 35.49
CA THR A 275 -12.01 -14.76 35.46
C THR A 275 -11.73 -13.28 35.68
N GLN A 276 -10.61 -12.99 36.34
CA GLN A 276 -10.10 -11.63 36.41
C GLN A 276 -8.92 -11.50 35.46
N ILE A 277 -9.13 -10.78 34.36
CA ILE A 277 -8.11 -10.63 33.32
C ILE A 277 -6.87 -9.92 33.85
N TYR A 278 -5.70 -10.44 33.49
CA TYR A 278 -4.44 -9.86 33.92
C TYR A 278 -4.16 -8.51 33.28
N LEU A 279 -3.44 -7.66 34.02
CA LEU A 279 -3.00 -6.37 33.50
C LEU A 279 -1.79 -6.55 32.60
N PRO A 280 -1.63 -5.68 31.59
CA PRO A 280 -0.56 -5.80 30.60
C PRO A 280 0.84 -5.78 31.22
N ALA A 281 0.99 -5.13 32.37
CA ALA A 281 2.27 -5.07 33.06
C ALA A 281 2.08 -4.72 34.54
N ASP A 282 3.17 -4.75 35.29
CA ASP A 282 3.12 -4.37 36.70
C ASP A 282 2.84 -2.88 36.85
N GLY A 283 2.22 -2.51 37.96
CA GLY A 283 1.89 -1.11 38.22
C GLY A 283 0.74 -0.97 39.20
N GLU A 284 0.84 0.01 40.09
CA GLU A 284 -0.17 0.24 41.10
C GLU A 284 -1.31 1.10 40.54
N ASP A 285 -1.03 1.84 39.47
CA ASP A 285 -2.04 2.63 38.79
C ASP A 285 -1.86 2.59 37.27
N ASP A 286 -2.66 3.36 36.58
CA ASP A 286 -2.66 3.32 35.12
C ASP A 286 -1.35 3.80 34.49
N ILE A 287 -0.90 4.89 34.89
CA ILE A 287 0.33 5.45 34.33
C ILE A 287 1.53 4.55 34.60
N GLU A 288 1.61 4.02 35.81
CA GLU A 288 2.71 3.13 36.18
C GLU A 288 2.69 1.86 35.33
N VAL A 289 1.49 1.35 35.06
CA VAL A 289 1.32 0.19 34.19
C VAL A 289 1.74 0.54 32.76
N LEU A 290 1.27 1.67 32.27
CA LEU A 290 1.58 2.11 30.91
C LEU A 290 3.07 2.37 30.73
N GLU A 291 3.72 2.84 31.78
CA GLU A 291 5.16 3.08 31.75
C GLU A 291 5.93 1.78 31.65
N ASN A 292 5.47 0.75 32.37
CA ASN A 292 6.09 -0.56 32.33
C ASN A 292 5.85 -1.28 31.01
N VAL A 293 4.68 -1.04 30.42
CA VAL A 293 4.36 -1.58 29.11
C VAL A 293 5.34 -1.03 28.07
N LYS A 294 5.60 0.27 28.14
CA LYS A 294 6.54 0.91 27.24
C LYS A 294 7.95 0.38 27.42
N ARG A 295 8.31 0.06 28.66
CA ARG A 295 9.62 -0.51 28.95
C ARG A 295 9.74 -1.93 28.38
N GLU A 296 8.67 -2.70 28.52
CA GLU A 296 8.63 -4.08 28.01
C GLU A 296 8.80 -4.10 26.50
N GLU A 298 10.35 -1.89 24.75
CA GLU A 298 11.73 -1.55 24.47
C GLU A 298 12.62 -2.78 24.63
N ARG A 299 12.27 -3.63 25.60
CA ARG A 299 13.02 -4.85 25.86
C ARG A 299 12.86 -5.84 24.72
N LEU A 300 11.62 -5.99 24.25
CA LEU A 300 11.33 -6.87 23.12
C LEU A 300 12.04 -6.36 21.87
N LYS A 301 12.19 -5.05 21.78
CA LYS A 301 12.89 -4.42 20.67
C LYS A 301 14.37 -4.76 20.72
N GLU A 302 14.89 -4.92 21.94
CA GLU A 302 16.29 -5.28 22.14
C GLU A 302 16.53 -6.76 21.84
N VAL A 303 15.60 -7.59 22.28
CA VAL A 303 15.72 -9.04 22.09
C VAL A 303 15.63 -9.42 20.62
N TYR A 304 14.65 -8.87 19.93
CA TYR A 304 14.38 -9.23 18.53
C TYR A 304 15.10 -8.30 17.55
N GLN A 305 16.19 -7.69 17.99
CA GLN A 305 16.90 -6.72 17.17
C GLN A 305 17.58 -7.34 15.95
N HIS A 306 17.95 -8.61 16.07
CA HIS A 306 18.61 -9.33 14.98
C HIS A 306 17.60 -10.01 14.08
N ILE A 307 16.32 -9.82 14.38
CA ILE A 307 15.25 -10.42 13.60
C ILE A 307 14.60 -9.38 12.69
N PRO A 308 14.49 -9.70 11.39
CA PRO A 308 13.86 -8.78 10.42
C PRO A 308 12.40 -8.50 10.76
N LYS A 309 12.00 -7.23 10.63
CA LYS A 309 10.65 -6.83 10.96
C LYS A 309 9.75 -6.83 9.73
N PRO A 310 8.44 -7.09 9.92
CA PRO A 310 7.51 -7.18 8.80
C PRO A 310 7.38 -5.87 8.03
N LYS A 311 7.12 -5.97 6.73
CA LYS A 311 6.92 -4.80 5.88
C LYS A 311 5.48 -4.31 5.97
N PRO A 312 5.28 -2.99 5.92
CA PRO A 312 3.94 -2.41 5.90
C PRO A 312 3.27 -2.62 4.55
N ILE A 313 1.99 -2.26 4.45
CA ILE A 313 1.28 -2.32 3.18
C ILE A 313 1.90 -1.34 2.19
N PRO A 314 2.21 -1.80 0.97
CA PRO A 314 2.79 -0.96 -0.09
C PRO A 314 2.00 0.33 -0.31
N LEU A 316 2.18 4.69 -1.47
CA LEU A 316 2.91 5.76 -2.14
C LEU A 316 3.38 6.77 -1.10
N PRO A 317 4.59 7.32 -1.28
CA PRO A 317 5.13 8.32 -0.37
C PRO A 317 4.28 9.59 -0.35
N PRO A 318 4.35 10.38 0.73
CA PRO A 318 3.66 11.67 0.78
C PRO A 318 4.16 12.58 -0.33
N ARG A 319 5.47 12.70 -0.45
CA ARG A 319 6.10 13.47 -1.52
C ARG A 319 7.11 12.61 -2.27
N LEU A 320 7.45 13.04 -3.48
CA LEU A 320 8.39 12.29 -4.30
C LEU A 320 9.26 13.23 -5.13
N SER A 321 10.57 13.21 -4.86
CA SER A 321 11.52 14.00 -5.62
C SER A 321 12.24 13.11 -6.63
N SER A 323 15.43 12.97 -7.10
CA SER A 323 16.60 12.43 -6.41
C SER A 323 16.23 11.16 -5.64
N VAL A 324 15.12 11.22 -4.91
CA VAL A 324 14.64 10.07 -4.16
C VAL A 324 14.18 8.95 -5.11
N PHE A 325 13.42 9.34 -6.13
CA PHE A 325 12.89 8.39 -7.10
C PHE A 325 14.01 7.62 -7.82
N THR A 326 15.05 8.34 -8.22
CA THR A 326 16.16 7.73 -8.96
C THR A 326 16.96 6.76 -8.11
N ASN A 327 17.22 7.13 -6.86
CA ASN A 327 18.10 6.35 -6.00
C ASN A 327 17.44 5.16 -5.29
N THR A 328 16.43 5.44 -4.48
CA THR A 328 15.85 4.41 -3.61
C THR A 328 14.70 3.64 -4.23
N TYR A 329 14.21 4.08 -5.38
CA TYR A 329 13.10 3.40 -6.04
C TYR A 329 13.50 2.69 -7.33
N VAL A 330 14.20 3.40 -8.21
CA VAL A 330 14.68 2.78 -9.45
C VAL A 330 15.78 1.77 -9.14
N GLN A 331 15.42 0.49 -9.12
CA GLN A 331 16.35 -0.57 -8.79
C GLN A 331 17.18 -0.99 -10.00
N HIS A 332 16.58 -0.90 -11.18
CA HIS A 332 17.26 -1.27 -12.42
C HIS A 332 17.38 -0.08 -13.37
N ARG A 333 18.60 0.31 -13.66
CA ARG A 333 18.86 1.42 -14.58
C ARG A 333 19.35 0.88 -15.92
N ALA A 334 18.42 0.35 -16.72
CA ALA A 334 18.75 -0.23 -18.01
C ALA A 334 18.54 0.77 -19.14
N SER A 335 19.33 0.62 -20.20
CA SER A 335 19.23 1.50 -21.36
C SER A 335 17.97 1.20 -22.17
N GLY A 336 17.46 2.21 -22.87
CA GLY A 336 16.27 2.05 -23.66
C GLY A 336 15.00 2.09 -22.82
N PHE A 337 15.17 2.34 -21.52
CA PHE A 337 14.04 2.42 -20.61
C PHE A 337 14.00 3.75 -19.86
N ILE A 338 12.84 4.40 -19.89
CA ILE A 338 12.66 5.68 -19.24
C ILE A 338 11.66 5.60 -18.08
N PRO A 339 12.17 5.57 -16.84
CA PRO A 339 11.33 5.59 -15.64
C PRO A 339 10.63 6.94 -15.49
N VAL A 340 9.30 6.92 -15.36
CA VAL A 340 8.55 8.17 -15.35
C VAL A 340 7.75 8.40 -14.06
N GLY A 341 7.54 7.34 -13.28
CA GLY A 341 6.80 7.47 -12.04
C GLY A 341 6.56 6.17 -11.31
N LEU A 342 5.98 6.27 -10.12
CA LEU A 342 5.68 5.11 -9.29
C LEU A 342 4.26 4.59 -9.51
N ASP A 343 4.13 3.30 -9.76
CA ASP A 343 2.82 2.66 -9.88
C ASP A 343 2.07 2.82 -8.56
N GLU A 344 0.81 3.25 -8.64
CA GLU A 344 0.00 3.49 -7.45
C GLU A 344 -0.26 2.22 -6.66
N GLN A 345 -0.45 1.11 -7.38
CA GLN A 345 -0.81 -0.15 -6.76
C GLN A 345 0.39 -0.90 -6.18
N THR A 346 1.49 -0.94 -6.93
CA THR A 346 2.64 -1.75 -6.54
C THR A 346 3.77 -0.93 -5.93
N VAL A 347 3.67 0.39 -6.01
CA VAL A 347 4.72 1.30 -5.56
C VAL A 347 6.07 0.96 -6.20
N ARG A 348 6.01 0.52 -7.46
CA ARG A 348 7.21 0.23 -8.24
C ARG A 348 7.24 1.11 -9.49
N PRO A 349 8.45 1.48 -9.93
CA PRO A 349 8.60 2.39 -11.08
C PRO A 349 8.12 1.78 -12.39
N VAL A 350 7.21 2.48 -13.07
CA VAL A 350 6.82 2.09 -14.43
C VAL A 350 7.74 2.82 -15.41
N ALA A 351 8.13 2.13 -16.48
CA ALA A 351 9.12 2.69 -17.40
C ALA A 351 8.66 2.63 -18.85
N ILE A 352 9.11 3.62 -19.62
CA ILE A 352 8.84 3.68 -21.05
C ILE A 352 9.81 2.79 -21.80
N ASN A 353 9.28 1.89 -22.62
CA ASN A 353 10.12 1.05 -23.47
C ASN A 353 10.39 1.72 -24.82
N ARG A 355 12.32 0.81 -27.12
CA ARG A 355 12.50 -0.16 -28.19
C ARG A 355 11.19 -0.54 -28.86
N THR A 356 10.12 -0.56 -28.07
CA THR A 356 8.81 -0.94 -28.59
C THR A 356 7.88 0.25 -28.76
N ASP A 357 8.18 1.33 -28.05
CA ASP A 357 7.40 2.57 -28.14
C ASP A 357 8.33 3.78 -28.19
N PRO A 358 8.81 4.11 -29.39
CA PRO A 358 9.81 5.18 -29.57
C PRO A 358 9.26 6.57 -29.26
N HIS A 359 7.96 6.75 -29.36
CA HIS A 359 7.35 8.07 -29.17
C HIS A 359 6.45 8.10 -27.94
N CYS A 360 6.20 9.31 -27.43
CA CYS A 360 5.36 9.47 -26.24
C CYS A 360 4.73 10.85 -26.18
N LEU A 361 3.43 10.88 -25.85
CA LEU A 361 2.70 12.14 -25.72
C LEU A 361 2.56 12.52 -24.25
N ILE A 362 2.78 13.78 -23.93
CA ILE A 362 2.51 14.29 -22.59
C ILE A 362 1.23 15.12 -22.63
N VAL A 363 0.11 14.48 -22.33
CA VAL A 363 -1.21 15.11 -22.40
C VAL A 363 -1.64 15.58 -21.02
N GLY A 364 -2.19 16.79 -20.94
CA GLY A 364 -2.64 17.31 -19.66
C GLY A 364 -3.52 18.55 -19.74
N GLN A 365 -3.57 19.28 -18.64
CA GLN A 365 -4.35 20.51 -18.56
C GLN A 365 -3.51 21.64 -17.98
N SER A 366 -4.15 22.79 -17.73
CA SER A 366 -3.46 23.96 -17.22
C SER A 366 -2.88 23.74 -15.83
N ARG A 367 -1.56 23.89 -15.72
CA ARG A 367 -0.85 23.74 -14.45
C ARG A 367 -1.11 22.39 -13.81
N LYS A 368 -0.72 21.32 -14.51
CA LYS A 368 -0.96 19.97 -14.04
C LYS A 368 0.32 19.15 -13.86
N GLY A 369 1.35 19.48 -14.65
CA GLY A 369 2.64 18.82 -14.53
C GLY A 369 3.31 18.49 -15.86
N LYS A 370 2.85 19.15 -16.93
CA LYS A 370 3.37 18.88 -18.26
C LYS A 370 4.86 19.15 -18.39
N THR A 371 5.30 20.34 -17.99
CA THR A 371 6.70 20.71 -18.08
C THR A 371 7.57 19.81 -17.20
N ASN A 372 7.05 19.45 -16.03
CA ASN A 372 7.77 18.61 -15.10
C ASN A 372 8.01 17.20 -15.64
N VAL A 373 7.01 16.65 -16.31
CA VAL A 373 7.14 15.33 -16.95
C VAL A 373 8.25 15.38 -18.00
N VAL A 374 8.29 16.46 -18.75
CA VAL A 374 9.34 16.68 -19.75
C VAL A 374 10.71 16.66 -19.07
N LYS A 375 10.81 17.30 -17.91
CA LYS A 375 12.04 17.31 -17.14
C LYS A 375 12.45 15.89 -16.75
N VAL A 376 11.47 15.08 -16.35
CA VAL A 376 11.72 13.70 -15.97
C VAL A 376 12.28 12.90 -17.14
N ILE A 377 11.68 13.08 -18.31
CA ILE A 377 12.16 12.42 -19.53
C ILE A 377 13.58 12.88 -19.84
N LEU A 378 13.81 14.19 -19.74
CA LEU A 378 15.13 14.76 -20.01
C LEU A 378 16.18 14.28 -19.02
N GLU A 379 15.79 14.15 -17.75
CA GLU A 379 16.70 13.64 -16.73
C GLU A 379 16.96 12.16 -16.93
N SER A 380 15.97 11.45 -17.46
CA SER A 380 16.14 10.04 -17.79
C SER A 380 17.01 9.91 -19.04
N LEU A 381 16.95 10.93 -19.89
CA LEU A 381 17.90 11.08 -20.99
C LEU A 381 19.15 11.72 -20.41
N LEU A 382 20.06 12.16 -21.29
CA LEU A 382 21.31 12.80 -20.87
C LEU A 382 22.23 11.86 -20.07
N VAL A 383 21.73 10.67 -19.77
CA VAL A 383 22.49 9.67 -19.02
C VAL A 383 22.44 8.34 -19.76
N GLN A 384 21.87 8.35 -20.95
CA GLN A 384 21.83 7.17 -21.80
C GLN A 384 22.65 7.40 -23.07
N GLU A 385 23.49 8.43 -23.02
CA GLU A 385 24.33 8.82 -24.14
C GLU A 385 23.55 8.99 -25.46
N PRO A 386 22.72 10.04 -25.54
CA PRO A 386 22.01 10.33 -26.78
C PRO A 386 22.93 11.04 -27.76
N GLU A 387 22.68 10.89 -29.05
CA GLU A 387 23.50 11.57 -30.06
C GLU A 387 23.16 13.06 -30.08
N SER A 388 21.87 13.37 -29.96
CA SER A 388 21.42 14.75 -29.95
C SER A 388 20.02 14.87 -29.36
N ILE A 389 19.77 15.97 -28.66
CA ILE A 389 18.45 16.24 -28.10
C ILE A 389 17.97 17.63 -28.48
N GLY A 390 17.05 17.70 -29.43
CA GLY A 390 16.46 18.95 -29.85
C GLY A 390 15.36 19.38 -28.90
N LEU A 391 15.57 20.52 -28.25
CA LEU A 391 14.62 21.00 -27.25
C LEU A 391 13.89 22.25 -27.71
N LEU A 392 12.61 22.10 -28.02
CA LEU A 392 11.77 23.22 -28.42
C LEU A 392 10.89 23.66 -27.26
N ASP A 393 11.37 24.66 -26.51
CA ASP A 393 10.69 25.10 -25.31
C ASP A 393 9.37 25.80 -25.63
N GLY A 394 8.52 25.93 -24.61
CA GLY A 394 7.22 26.54 -24.77
C GLY A 394 7.23 28.04 -24.59
N ILE A 395 6.07 28.61 -24.27
CA ILE A 395 5.92 30.05 -24.13
C ILE A 395 6.61 30.59 -22.88
N ASP A 396 6.43 29.90 -21.76
CA ASP A 396 6.93 30.38 -20.47
C ASP A 396 8.45 30.26 -20.32
N ARG A 397 9.09 29.55 -21.25
CA ARG A 397 10.53 29.32 -21.20
C ARG A 397 10.96 28.64 -19.91
N GLY A 398 10.26 27.58 -19.55
CA GLY A 398 10.51 26.88 -18.30
C GLY A 398 11.54 25.77 -18.42
N LEU A 399 12.24 25.73 -19.54
CA LEU A 399 13.28 24.73 -19.76
C LEU A 399 14.58 25.38 -20.23
N ALA A 400 14.70 26.69 -19.99
CA ALA A 400 15.88 27.43 -20.40
C ALA A 400 17.11 27.04 -19.59
N GLY A 401 16.89 26.34 -18.49
CA GLY A 401 17.97 25.87 -17.64
C GLY A 401 18.69 24.68 -18.24
N TYR A 402 17.99 23.93 -19.09
CA TYR A 402 18.57 22.77 -19.75
C TYR A 402 19.38 23.16 -20.97
N ALA A 403 19.42 24.46 -21.27
CA ALA A 403 20.18 24.96 -22.41
C ALA A 403 21.68 24.86 -22.16
N ASN A 404 22.45 24.95 -23.23
CA ASN A 404 23.91 24.98 -23.17
C ASN A 404 24.56 23.69 -22.62
N ARG A 405 23.75 22.66 -22.40
CA ARG A 405 24.29 21.38 -21.97
C ARG A 405 24.94 20.68 -23.16
N ASP A 406 25.89 19.79 -22.89
CA ASP A 406 26.72 19.20 -23.93
C ASP A 406 26.01 18.14 -24.78
N ASP A 407 24.69 18.06 -24.64
CA ASP A 407 23.89 17.13 -25.43
C ASP A 407 22.61 17.77 -25.93
N ILE A 408 22.23 18.88 -25.30
CA ILE A 408 20.96 19.53 -25.60
C ILE A 408 21.10 20.70 -26.57
N THR A 409 20.31 20.67 -27.64
CA THR A 409 20.24 21.78 -28.58
C THR A 409 18.98 22.60 -28.31
N TYR A 410 19.12 23.63 -27.48
CA TYR A 410 17.99 24.46 -27.10
C TYR A 410 17.52 25.29 -28.30
N ILE A 411 16.27 25.09 -28.70
CA ILE A 411 15.72 25.74 -29.88
C ILE A 411 14.76 26.87 -29.53
N GLU A 412 15.01 28.05 -30.07
CA GLU A 412 14.18 29.22 -29.82
C GLU A 412 13.57 29.75 -31.12
N ALA A 413 14.39 29.88 -32.15
CA ALA A 413 13.96 30.45 -33.42
C ALA A 413 13.52 29.38 -34.42
N LYS A 414 12.77 29.80 -35.43
CA LYS A 414 12.26 28.90 -36.46
C LYS A 414 13.38 28.35 -37.33
N GLU A 415 14.32 29.20 -37.71
CA GLU A 415 15.45 28.78 -38.54
C GLU A 415 16.38 27.83 -37.79
N ARG A 416 16.43 27.97 -36.46
CA ARG A 416 17.25 27.11 -35.64
C ARG A 416 16.66 25.70 -35.60
N LEU A 417 15.34 25.62 -35.58
CA LEU A 417 14.64 24.34 -35.61
C LEU A 417 14.88 23.63 -36.93
N ALA A 418 14.81 24.39 -38.02
CA ALA A 418 15.02 23.84 -39.35
C ALA A 418 16.43 23.28 -39.51
N GLN A 419 17.39 23.90 -38.83
CA GLN A 419 18.77 23.43 -38.86
C GLN A 419 18.91 22.09 -38.15
N TRP A 420 18.26 21.96 -37.00
CA TRP A 420 18.33 20.73 -36.22
C TRP A 420 17.68 19.55 -36.95
N LEU A 421 16.52 19.80 -37.53
CA LEU A 421 15.79 18.76 -38.27
C LEU A 421 16.59 18.25 -39.45
N ASN A 422 17.17 19.17 -40.22
CA ASN A 422 17.97 18.80 -41.38
C ASN A 422 19.28 18.14 -40.99
N GLU A 423 19.80 18.51 -39.82
CA GLU A 423 21.01 17.88 -39.30
C GLU A 423 20.66 16.49 -38.78
N ALA A 424 19.47 16.35 -38.21
CA ALA A 424 18.98 15.06 -37.75
C ALA A 424 18.65 14.18 -38.95
N ASP A 425 18.19 14.80 -40.03
CA ASP A 425 17.88 14.09 -41.26
C ASP A 425 19.12 13.44 -41.84
N ALA A 426 20.24 14.15 -41.80
CA ALA A 426 21.50 13.65 -42.35
C ALA A 426 21.99 12.41 -41.61
N VAL A 427 21.94 12.47 -40.28
CA VAL A 427 22.40 11.36 -39.45
C VAL A 427 21.50 10.14 -39.62
N LEU A 428 20.19 10.37 -39.60
CA LEU A 428 19.22 9.28 -39.72
C LEU A 428 19.20 8.67 -41.11
N GLN A 429 19.62 9.44 -42.11
CA GLN A 429 19.73 8.94 -43.47
C GLN A 429 20.95 8.05 -43.62
N GLN A 430 22.04 8.45 -42.99
CA GLN A 430 23.27 7.66 -43.03
C GLN A 430 23.07 6.35 -42.27
N ARG A 431 22.32 6.42 -41.17
CA ARG A 431 21.97 5.23 -40.41
C ARG A 431 21.16 4.27 -41.27
N GLU A 432 20.34 4.83 -42.15
CA GLU A 432 19.55 4.03 -43.08
C GLU A 432 20.47 3.37 -44.11
N ARG A 433 21.58 4.03 -44.42
CA ARG A 433 22.57 3.48 -45.33
C ARG A 433 23.51 2.53 -44.60
N GLU A 434 23.68 2.75 -43.30
CA GLU A 434 24.47 1.86 -42.47
C GLU A 434 23.68 0.59 -42.15
N TYR A 435 22.35 0.71 -42.18
CA TYR A 435 21.46 -0.40 -41.89
C TYR A 435 21.35 -1.35 -43.09
N ILE A 436 21.21 -0.78 -44.28
CA ILE A 436 21.12 -1.57 -45.50
C ILE A 436 22.45 -2.28 -45.79
N GLN A 437 23.55 -1.62 -45.46
CA GLN A 437 24.89 -2.17 -45.69
C GLN A 437 25.17 -3.38 -44.81
N ALA A 438 25.11 -3.18 -43.49
CA ALA A 438 25.46 -4.22 -42.54
C ALA A 438 24.24 -4.95 -41.98
N VAL A 439 24.27 -5.25 -40.70
CA VAL A 439 23.17 -5.95 -40.03
C VAL A 439 22.31 -4.94 -39.25
N ASN A 440 21.19 -5.42 -38.71
CA ASN A 440 20.27 -4.57 -37.96
C ASN A 440 20.93 -3.82 -36.81
N TRP A 449 20.78 1.31 -31.67
CA TRP A 449 20.93 2.69 -32.15
C TRP A 449 20.91 3.69 -31.00
N PRO A 450 21.92 4.55 -30.93
CA PRO A 450 21.91 5.68 -29.98
C PRO A 450 20.81 6.67 -30.36
N PRO A 451 20.02 7.12 -29.37
CA PRO A 451 18.79 7.88 -29.62
C PRO A 451 19.00 9.29 -30.16
N VAL A 452 18.27 9.63 -31.22
CA VAL A 452 18.17 11.00 -31.69
C VAL A 452 16.80 11.52 -31.26
N VAL A 453 16.80 12.43 -30.28
CA VAL A 453 15.55 12.80 -29.62
C VAL A 453 15.08 14.22 -29.93
N PHE A 454 13.80 14.33 -30.27
CA PHE A 454 13.18 15.63 -30.50
C PHE A 454 12.11 15.89 -29.43
N VAL A 455 12.38 16.86 -28.57
CA VAL A 455 11.48 17.14 -27.45
C VAL A 455 10.71 18.45 -27.65
N VAL A 456 9.39 18.35 -27.53
CA VAL A 456 8.51 19.51 -27.66
C VAL A 456 7.73 19.75 -26.37
N ASP A 457 8.09 20.81 -25.66
CA ASP A 457 7.43 21.15 -24.39
C ASP A 457 6.02 21.67 -24.61
N SER A 458 5.81 22.33 -25.74
CA SER A 458 4.50 22.89 -26.06
C SER A 458 4.17 22.70 -27.54
N LEU A 459 3.16 21.88 -27.81
CA LEU A 459 2.70 21.65 -29.18
C LEU A 459 2.05 22.91 -29.74
N LEU A 460 1.35 23.64 -28.87
CA LEU A 460 0.71 24.89 -29.25
C LEU A 460 1.74 25.91 -29.71
N ARG A 461 2.85 25.99 -28.99
CA ARG A 461 3.93 26.91 -29.33
C ARG A 461 4.61 26.48 -30.63
N LEU A 462 4.72 25.18 -30.83
CA LEU A 462 5.32 24.63 -32.04
C LEU A 462 4.55 25.09 -33.28
N GLN A 463 3.24 24.86 -33.28
CA GLN A 463 2.39 25.23 -34.41
C GLN A 463 2.12 26.73 -34.48
N GLN A 464 2.69 27.47 -33.54
CA GLN A 464 2.58 28.94 -33.55
C GLN A 464 3.81 29.57 -34.21
N GLU A 465 4.92 28.84 -34.19
CA GLU A 465 6.17 29.35 -34.76
C GLU A 465 6.62 28.54 -35.97
N THR A 466 5.73 27.73 -36.53
CA THR A 466 6.04 26.98 -37.73
C THR A 466 4.81 26.86 -38.65
N ASP A 467 5.06 26.46 -39.89
CA ASP A 467 4.02 26.33 -40.89
C ASP A 467 3.53 24.89 -40.98
N SER A 468 2.43 24.69 -41.72
CA SER A 468 1.86 23.36 -41.89
C SER A 468 2.72 22.46 -42.75
N ILE A 469 3.68 23.06 -43.46
CA ILE A 469 4.59 22.31 -44.32
C ILE A 469 5.70 21.65 -43.50
N GLN A 471 5.44 21.00 -40.41
CA GLN A 471 4.73 20.03 -39.57
C GLN A 471 4.59 18.70 -40.31
N GLY A 472 4.68 18.75 -41.63
CA GLY A 472 4.65 17.55 -42.44
C GLY A 472 6.01 16.90 -42.49
N ARG A 473 7.07 17.70 -42.43
CA ARG A 473 8.43 17.19 -42.44
C ARG A 473 8.72 16.40 -41.18
N ILE A 474 8.28 16.94 -40.04
CA ILE A 474 8.44 16.26 -38.76
C ILE A 474 7.65 14.96 -38.74
N ALA A 475 6.44 15.00 -39.28
CA ALA A 475 5.58 13.83 -39.36
C ALA A 475 6.18 12.75 -40.26
N ASN A 476 6.88 13.18 -41.30
CA ASN A 476 7.52 12.25 -42.22
C ASN A 476 8.69 11.51 -41.59
N LYS A 479 7.60 8.53 -39.32
CA LYS A 479 7.16 7.29 -39.96
C LYS A 479 8.21 6.73 -40.90
N GLN A 480 9.40 7.34 -40.90
CA GLN A 480 10.50 6.88 -41.74
C GLN A 480 11.71 6.45 -40.92
N TYR A 481 11.94 7.14 -39.81
CA TYR A 481 13.16 6.94 -39.04
C TYR A 481 12.92 6.40 -37.63
N SER A 482 11.68 6.00 -37.34
CA SER A 482 11.32 5.54 -36.00
C SER A 482 12.11 4.30 -35.57
N HIS A 483 12.54 3.50 -36.54
CA HIS A 483 13.27 2.28 -36.25
C HIS A 483 14.79 2.52 -36.24
N LEU A 484 15.19 3.71 -36.65
CA LEU A 484 16.61 4.03 -36.75
C LEU A 484 17.10 4.87 -35.58
N GLY A 485 16.37 4.83 -34.47
CA GLY A 485 16.77 5.52 -33.26
C GLY A 485 16.24 6.93 -33.14
N PHE A 486 15.12 7.21 -33.79
CA PHE A 486 14.50 8.52 -33.75
C PHE A 486 13.29 8.53 -32.81
N HIS A 487 13.36 9.34 -31.76
CA HIS A 487 12.31 9.40 -30.76
C HIS A 487 11.76 10.82 -30.64
N VAL A 488 10.44 10.94 -30.53
CA VAL A 488 9.83 12.26 -30.31
C VAL A 488 9.05 12.29 -28.99
N PHE A 489 9.12 13.43 -28.31
CA PHE A 489 8.36 13.66 -27.09
C PHE A 489 7.70 15.03 -27.17
N VAL A 490 6.39 15.04 -27.39
CA VAL A 490 5.66 16.30 -27.50
C VAL A 490 4.65 16.47 -26.38
N ALA A 491 4.79 17.58 -25.64
CA ALA A 491 3.89 17.88 -24.54
C ALA A 491 2.89 18.95 -24.93
N GLY A 492 1.77 19.01 -24.21
CA GLY A 492 0.75 20.00 -24.47
C GLY A 492 -0.60 19.60 -23.91
N ASN A 493 -1.52 20.56 -23.83
CA ASN A 493 -2.86 20.31 -23.34
C ASN A 493 -3.64 19.41 -24.30
N ALA A 494 -4.68 18.76 -23.78
CA ALA A 494 -5.44 17.76 -24.53
C ALA A 494 -6.06 18.31 -25.83
N ASN A 495 -6.56 19.54 -25.77
CA ASN A 495 -7.23 20.15 -26.91
C ASN A 495 -6.28 20.47 -28.06
N GLU A 496 -4.99 20.54 -27.76
CA GLU A 496 -3.98 20.87 -28.77
C GLU A 496 -3.73 19.71 -29.73
N PHE A 497 -4.08 18.50 -29.30
CA PHE A 497 -3.84 17.31 -30.10
C PHE A 497 -5.02 16.97 -31.01
N VAL A 498 -6.15 17.63 -30.79
CA VAL A 498 -7.37 17.29 -31.51
C VAL A 498 -7.89 18.48 -32.33
N LYS A 499 -7.26 19.64 -32.14
CA LYS A 499 -7.68 20.86 -32.82
C LYS A 499 -7.31 20.88 -34.29
N GLY A 500 -6.13 20.36 -34.62
CA GLY A 500 -5.59 20.47 -35.95
C GLY A 500 -6.08 19.44 -36.96
N PHE A 501 -5.97 19.78 -38.23
CA PHE A 501 -6.30 18.88 -39.32
C PHE A 501 -5.05 18.54 -40.12
N ASP A 502 -3.89 18.93 -39.59
CA ASP A 502 -2.63 18.79 -40.30
C ASP A 502 -2.04 17.39 -40.20
N ALA A 503 -0.91 17.18 -40.85
CA ALA A 503 -0.26 15.87 -40.90
C ALA A 503 0.41 15.50 -39.58
N LEU A 504 0.97 16.50 -38.89
CA LEU A 504 1.62 16.27 -37.61
C LEU A 504 0.59 15.81 -36.58
N THR A 505 -0.52 16.52 -36.51
CA THR A 505 -1.62 16.17 -35.62
C THR A 505 -2.11 14.75 -35.92
N ALA A 506 -2.20 14.42 -37.21
CA ALA A 506 -2.64 13.10 -37.63
C ALA A 506 -1.67 12.01 -37.20
N GLU A 507 -0.38 12.32 -37.24
CA GLU A 507 0.65 11.37 -36.85
C GLU A 507 0.73 11.18 -35.34
N LEU A 508 0.52 12.27 -34.61
CA LEU A 508 0.60 12.25 -33.15
C LEU A 508 -0.55 11.48 -32.52
N LYS A 509 -1.72 11.51 -33.15
CA LYS A 509 -2.90 10.84 -32.63
C LYS A 509 -2.89 9.34 -32.95
N GLN A 510 -1.77 8.87 -33.50
CA GLN A 510 -1.58 7.45 -33.74
C GLN A 510 -0.59 6.87 -32.72
N ILE A 511 0.01 7.74 -31.94
CA ILE A 511 0.92 7.32 -30.87
C ILE A 511 0.13 6.67 -29.75
N ARG A 512 0.51 5.45 -29.40
CA ARG A 512 -0.22 4.65 -28.43
C ARG A 512 0.29 4.82 -27.00
N GLN A 513 1.52 5.31 -26.87
CA GLN A 513 2.10 5.53 -25.55
C GLN A 513 1.98 6.99 -25.14
N ALA A 514 1.58 7.22 -23.89
CA ALA A 514 1.38 8.59 -23.41
C ALA A 514 1.45 8.72 -21.90
N ILE A 515 1.70 9.94 -21.44
CA ILE A 515 1.66 10.26 -20.01
C ILE A 515 0.61 11.33 -19.79
N LEU A 516 -0.45 10.96 -19.06
CA LEU A 516 -1.59 11.86 -18.88
C LEU A 516 -1.59 12.56 -17.53
N VAL A 517 -1.30 13.85 -17.53
CA VAL A 517 -1.47 14.67 -16.34
C VAL A 517 -2.83 15.35 -16.39
N THR A 518 -3.86 14.54 -16.62
CA THR A 518 -5.23 15.00 -16.70
C THR A 518 -6.15 13.81 -16.49
N LYS A 519 -7.44 14.07 -16.28
CA LYS A 519 -8.41 12.99 -16.13
C LYS A 519 -8.52 12.18 -17.41
N LYS A 520 -8.88 10.91 -17.28
CA LYS A 520 -9.10 10.06 -18.44
C LYS A 520 -10.39 10.48 -19.14
N SER A 521 -11.22 11.23 -18.43
CA SER A 521 -12.50 11.68 -18.97
C SER A 521 -12.39 13.07 -19.56
N GLU A 522 -11.18 13.61 -19.65
CA GLU A 522 -10.97 14.95 -20.16
C GLU A 522 -9.98 14.99 -21.33
N GLN A 523 -9.88 13.89 -22.06
CA GLN A 523 -9.06 13.84 -23.27
C GLN A 523 -9.71 12.95 -24.32
N SER A 524 -9.60 13.35 -25.58
CA SER A 524 -10.25 12.62 -26.67
C SER A 524 -9.26 11.80 -27.50
N LEU A 525 -8.04 11.63 -26.96
CA LEU A 525 -7.01 10.89 -27.67
C LEU A 525 -7.12 9.37 -27.45
N PHE A 526 -7.25 8.97 -26.19
CA PHE A 526 -7.29 7.56 -25.84
C PHE A 526 -8.61 7.16 -25.20
N ALA A 527 -9.18 6.05 -25.68
CA ALA A 527 -10.41 5.52 -25.11
C ALA A 527 -10.10 4.66 -23.90
N LEU A 528 -10.15 5.25 -22.72
CA LEU A 528 -9.82 4.54 -21.49
C LEU A 528 -11.04 4.44 -20.58
N PRO A 529 -11.22 3.27 -19.94
CA PRO A 529 -12.33 3.06 -19.00
C PRO A 529 -12.26 4.00 -17.80
N PHE A 530 -13.39 4.58 -17.43
CA PHE A 530 -13.45 5.49 -16.29
C PHE A 530 -14.85 5.58 -15.71
N THR A 531 -14.96 6.24 -14.56
CA THR A 531 -16.25 6.52 -13.96
C THR A 531 -16.30 7.97 -13.51
N ARG A 532 -17.48 8.42 -13.09
CA ARG A 532 -17.67 9.79 -12.64
C ARG A 532 -16.98 10.03 -11.29
N ASN A 533 -16.73 8.94 -10.56
CA ASN A 533 -16.15 9.02 -9.23
C ASN A 533 -14.62 9.05 -9.22
N GLU A 534 -14.02 9.04 -10.40
CA GLU A 534 -12.56 9.10 -10.52
C GLU A 534 -12.04 10.43 -10.00
N GLN A 535 -10.99 10.39 -9.20
CA GLN A 535 -10.46 11.58 -8.53
C GLN A 535 -9.85 12.58 -9.51
N GLU A 536 -9.73 13.82 -9.06
CA GLU A 536 -9.12 14.88 -9.86
C GLU A 536 -7.60 14.81 -9.81
N ILE A 537 -6.95 15.14 -10.93
CA ILE A 537 -5.50 15.08 -11.00
C ILE A 537 -4.85 16.38 -10.52
N GLU A 538 -3.78 16.23 -9.75
CA GLU A 538 -3.03 17.36 -9.23
C GLU A 538 -1.54 17.12 -9.47
N PRO A 539 -0.75 18.20 -9.56
CA PRO A 539 0.70 18.12 -9.78
C PRO A 539 1.38 17.12 -8.85
N GLY A 540 1.91 16.05 -9.44
CA GLY A 540 2.54 14.98 -8.69
C GLY A 540 1.97 13.63 -9.05
N PHE A 541 0.86 13.64 -9.78
CA PHE A 541 0.20 12.41 -10.19
C PHE A 541 -0.21 12.45 -11.66
N GLY A 542 -0.55 11.28 -12.21
CA GLY A 542 -0.97 11.18 -13.59
C GLY A 542 -1.30 9.76 -14.00
N TYR A 543 -1.42 9.54 -15.30
CA TYR A 543 -1.72 8.21 -15.82
C TYR A 543 -0.67 7.77 -16.85
N PHE A 544 -0.14 6.57 -16.67
CA PHE A 544 0.76 5.97 -17.64
C PHE A 544 -0.05 5.15 -18.62
N VAL A 545 -0.05 5.55 -19.89
CA VAL A 545 -0.90 4.91 -20.89
C VAL A 545 -0.09 4.22 -21.99
N VAL A 546 -0.36 2.94 -22.20
CA VAL A 546 0.27 2.18 -23.28
C VAL A 546 -0.55 0.94 -23.62
N GLY A 547 -0.68 0.65 -24.91
CA GLY A 547 -1.38 -0.53 -25.38
C GLY A 547 -2.85 -0.57 -25.01
N GLY A 548 -3.48 0.60 -24.95
CA GLY A 548 -4.89 0.71 -24.62
C GLY A 548 -5.17 0.53 -23.14
N LYS A 549 -4.12 0.42 -22.35
CA LYS A 549 -4.25 0.27 -20.90
C LYS A 549 -3.70 1.50 -20.19
N ASP A 550 -4.10 1.69 -18.94
CA ASP A 550 -3.62 2.83 -18.16
C ASP A 550 -3.30 2.45 -16.72
N GLN A 551 -2.58 3.32 -16.02
CA GLN A 551 -2.24 3.10 -14.63
C GLN A 551 -1.93 4.42 -13.93
N LYS A 552 -2.63 4.67 -12.83
CA LYS A 552 -2.39 5.85 -12.00
C LYS A 552 -0.96 5.80 -11.47
N ILE A 553 -0.20 6.87 -11.71
CA ILE A 553 1.20 6.90 -11.29
C ILE A 553 1.54 8.18 -10.51
N GLN A 554 2.51 8.07 -9.62
CA GLN A 554 3.03 9.23 -8.90
C GLN A 554 4.28 9.73 -9.60
N ILE A 555 4.19 10.92 -10.18
CA ILE A 555 5.30 11.50 -10.93
C ILE A 555 6.22 12.28 -10.00
N PRO A 556 7.53 11.97 -10.01
CA PRO A 556 8.51 12.64 -9.16
C PRO A 556 8.66 14.11 -9.52
N LYS A 557 9.00 14.93 -8.54
CA LYS A 557 9.21 16.36 -8.78
C LYS A 557 10.67 16.67 -9.05
N VAL A 558 10.95 17.13 -10.26
CA VAL A 558 12.31 17.50 -10.64
C VAL A 558 12.59 18.96 -10.29
N GLU A 559 13.69 19.20 -9.60
CA GLU A 559 14.09 20.55 -9.24
C GLU A 559 15.60 20.65 -9.05
#